data_1XBX
#
_entry.id   1XBX
#
_cell.length_a   123.000
_cell.length_b   41.831
_cell.length_c   91.068
_cell.angle_alpha   90.00
_cell.angle_beta   97.47
_cell.angle_gamma   90.00
#
_symmetry.space_group_name_H-M   'C 1 2 1'
#
loop_
_entity.id
_entity.type
_entity.pdbx_description
1 polymer '3-keto-L-gulonate 6-phosphate decarboxylase'
2 non-polymer 5-O-phosphono-L-ribulose
3 non-polymer 'MAGNESIUM ION'
4 non-polymer RIBULOSE-5-PHOSPHATE
5 water water
#
_entity_poly.entity_id   1
_entity_poly.type   'polypeptide(L)'
_entity_poly.pdbx_seq_one_letter_code
;MSLPMLQVALDNQTMDSAYETTRLIAEEVDIIEVGTILCVGEGVRAVRDLKALYPHKIVLADAKIADAGKILSRMCFEAN
ADWVTVICCADINTAKGALDVAKEFNGDVQIDLTGYWTWEQAQQWRDAGIGQVVYHRSVDAQAAGVAWGEADITAIKRLS
DMGFKVTVAGGLALEDLPLFKGIPIHVFIAGRSIRDAASPVEAARQFKRSIAELWG
;
_entity_poly.pdbx_strand_id   A,B
#
# COMPACT_ATOMS: atom_id res chain seq x y z
N LEU A 3 -20.83 -21.54 -5.50
CA LEU A 3 -21.33 -20.17 -5.79
C LEU A 3 -20.27 -19.13 -5.45
N PRO A 4 -20.24 -18.01 -6.16
CA PRO A 4 -19.42 -16.85 -5.72
C PRO A 4 -19.77 -16.43 -4.28
N MET A 5 -18.73 -16.17 -3.49
CA MET A 5 -18.88 -15.76 -2.09
C MET A 5 -19.09 -14.24 -2.06
N LEU A 6 -19.62 -13.76 -0.95
CA LEU A 6 -19.85 -12.35 -0.75
C LEU A 6 -18.92 -11.85 0.35
N GLN A 7 -18.16 -10.82 0.02
CA GLN A 7 -17.21 -10.20 0.92
C GLN A 7 -17.64 -8.80 1.20
N VAL A 8 -17.75 -8.43 2.46
CA VAL A 8 -18.02 -7.02 2.83
C VAL A 8 -16.72 -6.33 3.13
N ALA A 9 -16.51 -5.16 2.54
CA ALA A 9 -15.30 -4.38 2.81
C ALA A 9 -15.65 -3.39 3.87
N LEU A 10 -14.89 -3.43 4.97
CA LEU A 10 -15.02 -2.45 6.04
C LEU A 10 -14.00 -1.36 5.79
N ASP A 11 -14.41 -0.35 5.02
CA ASP A 11 -13.55 0.81 4.74
C ASP A 11 -13.88 1.95 5.68
N ASN A 12 -13.79 1.65 6.94
CA ASN A 12 -14.05 2.58 8.02
C ASN A 12 -12.75 3.08 8.62
N GLN A 13 -12.79 4.25 9.26
CA GLN A 13 -11.55 4.80 9.84
C GLN A 13 -11.29 4.33 11.26
N THR A 14 -12.34 3.90 11.98
CA THR A 14 -12.24 3.43 13.33
C THR A 14 -13.02 2.12 13.53
N MET A 15 -12.65 1.36 14.56
CA MET A 15 -13.36 0.11 14.81
C MET A 15 -14.79 0.31 15.12
N ASP A 16 -15.11 1.31 15.95
CA ASP A 16 -16.51 1.53 16.30
C ASP A 16 -17.40 1.84 15.11
N SER A 17 -16.89 2.57 14.12
CA SER A 17 -17.61 2.80 12.85
C SER A 17 -17.80 1.47 12.10
N ALA A 18 -16.77 0.62 12.07
CA ALA A 18 -16.88 -0.66 11.41
C ALA A 18 -17.95 -1.54 12.09
N TYR A 19 -18.01 -1.53 13.42
CA TYR A 19 -18.95 -2.36 14.15
C TYR A 19 -20.41 -1.96 13.90
N GLU A 20 -20.64 -0.70 13.58
CA GLU A 20 -21.95 -0.29 13.10
C GLU A 20 -22.44 -1.13 11.92
N THR A 21 -21.52 -1.55 11.06
CA THR A 21 -21.84 -2.39 9.94
C THR A 21 -21.84 -3.84 10.35
N THR A 22 -20.79 -4.31 11.04
CA THR A 22 -20.72 -5.73 11.31
C THR A 22 -21.81 -6.21 12.22
N ARG A 23 -22.29 -5.36 13.11
CA ARG A 23 -23.37 -5.78 14.01
C ARG A 23 -24.68 -6.03 13.23
N LEU A 24 -24.80 -5.46 12.04
CA LEU A 24 -25.95 -5.72 11.15
C LEU A 24 -25.74 -6.91 10.23
N ILE A 25 -24.53 -7.06 9.64
CA ILE A 25 -24.38 -8.00 8.49
C ILE A 25 -23.30 -9.05 8.61
N ALA A 26 -22.67 -9.20 9.76
CA ALA A 26 -21.58 -10.17 9.84
C ALA A 26 -22.06 -11.57 9.46
N GLU A 27 -23.31 -11.90 9.80
CA GLU A 27 -23.80 -13.26 9.59
C GLU A 27 -24.41 -13.37 8.19
N GLU A 28 -24.38 -12.29 7.44
CA GLU A 28 -25.01 -12.22 6.11
C GLU A 28 -23.99 -12.34 4.99
N VAL A 29 -22.72 -12.49 5.33
CA VAL A 29 -21.64 -12.49 4.35
C VAL A 29 -20.75 -13.64 4.65
N ASP A 30 -19.87 -13.90 3.70
CA ASP A 30 -18.92 -14.99 3.84
C ASP A 30 -17.54 -14.56 4.34
N ILE A 31 -17.13 -13.38 3.91
CA ILE A 31 -15.78 -12.87 4.15
C ILE A 31 -15.91 -11.46 4.68
N ILE A 32 -15.18 -11.18 5.77
CA ILE A 32 -15.10 -9.85 6.33
C ILE A 32 -13.75 -9.25 5.97
N GLU A 33 -13.76 -8.18 5.18
CA GLU A 33 -12.54 -7.50 4.84
C GLU A 33 -12.28 -6.31 5.78
N VAL A 34 -11.08 -6.33 6.34
CA VAL A 34 -10.53 -5.20 6.98
C VAL A 34 -9.98 -4.31 5.87
N GLY A 35 -10.74 -3.27 5.52
CA GLY A 35 -10.35 -2.45 4.40
C GLY A 35 -9.06 -1.77 4.58
N THR A 36 -8.45 -1.33 3.48
CA THR A 36 -7.24 -0.53 3.61
C THR A 36 -7.39 0.67 4.51
N ILE A 37 -8.54 1.32 4.42
CA ILE A 37 -8.86 2.47 5.24
C ILE A 37 -8.79 2.15 6.73
N LEU A 38 -9.32 0.99 7.09
CA LEU A 38 -9.33 0.56 8.46
C LEU A 38 -7.94 0.13 8.91
N CYS A 39 -7.18 -0.54 8.04
CA CYS A 39 -5.77 -0.90 8.35
C CYS A 39 -4.95 0.35 8.67
N VAL A 40 -5.18 1.40 7.90
CA VAL A 40 -4.46 2.64 8.10
C VAL A 40 -4.98 3.40 9.29
N GLY A 41 -6.28 3.33 9.54
CA GLY A 41 -6.92 4.09 10.60
C GLY A 41 -6.54 3.51 11.96
N GLU A 42 -6.58 2.16 12.08
CA GLU A 42 -6.47 1.50 13.35
C GLU A 42 -5.22 0.62 13.48
N GLY A 43 -4.59 0.31 12.37
CA GLY A 43 -3.54 -0.70 12.31
C GLY A 43 -4.05 -2.13 12.48
N VAL A 44 -3.13 -3.05 12.67
CA VAL A 44 -3.41 -4.46 12.58
C VAL A 44 -4.29 -4.97 13.72
N ARG A 45 -4.42 -4.19 14.78
CA ARG A 45 -5.40 -4.52 15.78
C ARG A 45 -6.81 -4.71 15.18
N ALA A 46 -7.11 -4.07 14.05
CA ALA A 46 -8.42 -4.23 13.43
C ALA A 46 -8.63 -5.67 13.01
N VAL A 47 -7.57 -6.27 12.50
CA VAL A 47 -7.61 -7.66 12.06
C VAL A 47 -7.83 -8.55 13.26
N ARG A 48 -7.06 -8.33 14.31
CA ARG A 48 -7.11 -9.22 15.51
C ARG A 48 -8.51 -9.13 16.17
N ASP A 49 -9.02 -7.92 16.23
CA ASP A 49 -10.29 -7.68 16.90
C ASP A 49 -11.42 -8.31 16.11
N LEU A 50 -11.45 -8.14 14.78
CA LEU A 50 -12.56 -8.65 14.00
C LEU A 50 -12.50 -10.17 13.95
N LYS A 51 -11.30 -10.76 13.83
CA LYS A 51 -11.27 -12.24 13.85
C LYS A 51 -11.74 -12.82 15.20
N ALA A 52 -11.45 -12.14 16.29
CA ALA A 52 -11.91 -12.56 17.61
C ALA A 52 -13.45 -12.53 17.67
N LEU A 53 -14.04 -11.50 17.07
CA LEU A 53 -15.47 -11.37 17.04
C LEU A 53 -16.14 -12.37 16.14
N TYR A 54 -15.51 -12.68 15.00
CA TYR A 54 -16.13 -13.44 13.92
C TYR A 54 -15.18 -14.56 13.48
N PRO A 55 -14.81 -15.43 14.39
CA PRO A 55 -13.75 -16.40 14.10
C PRO A 55 -14.14 -17.46 13.07
N HIS A 56 -15.41 -17.62 12.85
CA HIS A 56 -15.97 -18.56 11.86
C HIS A 56 -16.04 -17.98 10.45
N LYS A 57 -15.69 -16.71 10.31
CA LYS A 57 -15.69 -16.06 9.01
C LYS A 57 -14.28 -15.94 8.50
N ILE A 58 -14.13 -15.87 7.19
CA ILE A 58 -12.83 -15.61 6.61
C ILE A 58 -12.57 -14.14 6.82
N VAL A 59 -11.41 -13.81 7.37
CA VAL A 59 -11.00 -12.41 7.51
C VAL A 59 -9.84 -12.08 6.57
N LEU A 60 -10.08 -11.09 5.72
CA LEU A 60 -9.09 -10.58 4.77
C LEU A 60 -8.54 -9.23 5.20
N ALA A 61 -7.23 -9.09 5.19
CA ALA A 61 -6.60 -7.83 5.57
C ALA A 61 -6.21 -7.20 4.26
N ASP A 62 -6.86 -6.09 3.87
CA ASP A 62 -6.63 -5.50 2.58
C ASP A 62 -5.49 -4.48 2.69
N ALA A 63 -4.32 -5.02 2.97
CA ALA A 63 -3.14 -4.23 3.20
C ALA A 63 -2.47 -3.71 1.94
N LYS A 64 -2.72 -4.33 0.81
CA LYS A 64 -2.22 -3.88 -0.48
C LYS A 64 -0.69 -3.72 -0.37
N ILE A 65 -0.06 -4.76 0.14
CA ILE A 65 1.38 -4.74 0.45
C ILE A 65 2.18 -4.42 -0.81
N ALA A 66 3.03 -3.37 -0.77
CA ALA A 66 3.87 -2.98 -1.92
C ALA A 66 5.29 -3.53 -1.88
N ASP A 67 5.71 -3.97 -0.71
CA ASP A 67 7.08 -4.39 -0.42
C ASP A 67 7.13 -4.83 1.05
N ALA A 68 8.23 -5.48 1.44
CA ALA A 68 8.39 -5.98 2.79
C ALA A 68 7.33 -7.07 3.01
N GLY A 69 7.23 -7.95 2.01
CA GLY A 69 6.20 -8.98 1.98
C GLY A 69 6.15 -9.89 3.18
N LYS A 70 7.30 -10.37 3.60
CA LYS A 70 7.39 -11.21 4.78
C LYS A 70 7.01 -10.47 6.07
N ILE A 71 7.51 -9.25 6.25
CA ILE A 71 7.20 -8.53 7.49
C ILE A 71 5.70 -8.20 7.59
N LEU A 72 5.16 -7.57 6.56
CA LEU A 72 3.77 -7.09 6.61
C LEU A 72 2.79 -8.27 6.62
N SER A 73 3.08 -9.32 5.86
CA SER A 73 2.18 -10.48 5.94
C SER A 73 2.25 -11.12 7.32
N ARG A 74 3.43 -11.30 7.89
CA ARG A 74 3.53 -11.88 9.21
C ARG A 74 2.75 -11.05 10.26
N MET A 75 2.79 -9.72 10.15
CA MET A 75 2.00 -8.91 11.09
C MET A 75 0.52 -9.20 10.96
N CYS A 76 0.00 -9.28 9.73
CA CYS A 76 -1.38 -9.60 9.51
C CYS A 76 -1.76 -11.02 9.95
N PHE A 77 -0.91 -12.01 9.62
CA PHE A 77 -1.20 -13.37 10.04
C PHE A 77 -1.06 -13.66 11.53
N GLU A 78 -0.11 -13.02 12.20
CA GLU A 78 -0.05 -13.04 13.66
C GLU A 78 -1.28 -12.44 14.32
N ALA A 79 -1.91 -11.47 13.65
CA ALA A 79 -3.16 -10.92 14.08
C ALA A 79 -4.37 -11.76 13.65
N ASN A 80 -4.12 -12.95 13.09
CA ASN A 80 -5.16 -13.94 12.77
C ASN A 80 -5.92 -13.75 11.46
N ALA A 81 -5.32 -13.00 10.53
CA ALA A 81 -5.84 -12.90 9.18
C ALA A 81 -5.85 -14.29 8.56
N ASP A 82 -6.85 -14.52 7.74
CA ASP A 82 -6.88 -15.65 6.81
C ASP A 82 -6.21 -15.34 5.52
N TRP A 83 -6.50 -14.14 4.97
CA TRP A 83 -6.01 -13.76 3.68
C TRP A 83 -5.45 -12.33 3.77
N VAL A 84 -4.47 -12.05 2.92
CA VAL A 84 -3.87 -10.75 2.81
C VAL A 84 -3.71 -10.40 1.35
N THR A 85 -3.78 -9.12 1.02
CA THR A 85 -3.51 -8.62 -0.31
C THR A 85 -2.14 -8.00 -0.48
N VAL A 86 -1.59 -8.23 -1.66
CA VAL A 86 -0.35 -7.63 -2.20
C VAL A 86 -0.72 -6.88 -3.45
N ILE A 87 -0.27 -5.64 -3.56
CA ILE A 87 -0.56 -4.80 -4.71
C ILE A 87 0.24 -5.23 -5.95
N CYS A 88 -0.40 -5.07 -7.11
CA CYS A 88 0.10 -5.67 -8.38
C CYS A 88 1.52 -5.24 -8.78
N CYS A 89 1.91 -4.03 -8.42
CA CYS A 89 3.27 -3.59 -8.82
C CYS A 89 4.41 -4.14 -7.97
N ALA A 90 4.11 -4.81 -6.88
CA ALA A 90 5.16 -5.34 -6.01
C ALA A 90 6.14 -6.22 -6.80
N ASP A 91 7.40 -6.10 -6.42
CA ASP A 91 8.42 -7.06 -6.86
C ASP A 91 8.00 -8.48 -6.60
N ILE A 92 8.36 -9.39 -7.50
CA ILE A 92 7.91 -10.79 -7.36
C ILE A 92 8.36 -11.42 -6.05
N ASN A 93 9.48 -10.96 -5.52
CA ASN A 93 9.96 -11.49 -4.26
C ASN A 93 9.08 -11.03 -3.10
N THR A 94 8.39 -9.92 -3.27
CA THR A 94 7.35 -9.53 -2.27
C THR A 94 6.18 -10.47 -2.22
N ALA A 95 5.61 -10.82 -3.39
CA ALA A 95 4.52 -11.78 -3.45
C ALA A 95 5.00 -13.11 -2.91
N LYS A 96 6.20 -13.53 -3.32
CA LYS A 96 6.70 -14.84 -2.89
C LYS A 96 6.88 -14.89 -1.37
N GLY A 97 7.42 -13.80 -0.81
CA GLY A 97 7.67 -13.73 0.61
C GLY A 97 6.36 -13.77 1.38
N ALA A 98 5.35 -13.06 0.90
CA ALA A 98 4.07 -13.04 1.60
C ALA A 98 3.41 -14.41 1.52
N LEU A 99 3.55 -15.07 0.38
CA LEU A 99 2.96 -16.38 0.22
C LEU A 99 3.65 -17.41 1.12
N ASP A 100 4.98 -17.33 1.28
CA ASP A 100 5.70 -18.25 2.17
C ASP A 100 5.21 -18.12 3.59
N VAL A 101 5.00 -16.87 4.01
CA VAL A 101 4.52 -16.65 5.35
C VAL A 101 3.11 -17.18 5.45
N ALA A 102 2.27 -16.88 4.45
CA ALA A 102 0.88 -17.32 4.46
C ALA A 102 0.78 -18.83 4.67
N LYS A 103 1.64 -19.57 3.96
CA LYS A 103 1.69 -21.02 4.11
C LYS A 103 1.98 -21.50 5.52
N GLU A 104 2.81 -20.78 6.29
CA GLU A 104 3.03 -21.14 7.69
C GLU A 104 1.80 -21.09 8.58
N PHE A 105 0.85 -20.23 8.19
CA PHE A 105 -0.36 -19.96 8.95
C PHE A 105 -1.58 -20.60 8.30
N ASN A 106 -1.37 -21.36 7.22
CA ASN A 106 -2.46 -21.89 6.39
C ASN A 106 -3.41 -20.81 5.88
N GLY A 107 -2.84 -19.67 5.52
CA GLY A 107 -3.61 -18.59 4.94
C GLY A 107 -3.30 -18.51 3.49
N ASP A 108 -3.62 -17.38 2.87
CA ASP A 108 -3.38 -17.20 1.43
C ASP A 108 -3.18 -15.73 1.13
N VAL A 109 -2.65 -15.47 -0.08
CA VAL A 109 -2.35 -14.15 -0.56
C VAL A 109 -3.14 -13.95 -1.85
N GLN A 110 -3.63 -12.75 -2.03
CA GLN A 110 -4.30 -12.33 -3.23
C GLN A 110 -3.51 -11.16 -3.80
N ILE A 111 -3.37 -11.11 -5.12
CA ILE A 111 -2.77 -9.96 -5.75
C ILE A 111 -3.90 -9.04 -6.11
N ASP A 112 -3.88 -7.83 -5.58
CA ASP A 112 -4.89 -6.85 -5.92
C ASP A 112 -4.45 -6.11 -7.20
N LEU A 113 -5.35 -6.03 -8.17
CA LEU A 113 -5.00 -5.57 -9.52
C LEU A 113 -5.46 -4.14 -9.80
N THR A 114 -5.50 -3.31 -8.78
CA THR A 114 -5.82 -1.91 -8.95
C THR A 114 -4.70 -1.22 -9.68
N GLY A 115 -5.07 -0.48 -10.72
CA GLY A 115 -4.11 0.32 -11.48
C GLY A 115 -3.31 -0.44 -12.54
N TYR A 116 -2.05 -0.04 -12.69
CA TYR A 116 -1.22 -0.51 -13.82
C TYR A 116 -0.49 -1.81 -13.51
N TRP A 117 -0.73 -2.84 -14.31
CA TRP A 117 0.02 -4.12 -14.27
C TRP A 117 0.02 -4.72 -15.69
N THR A 118 0.77 -5.78 -15.88
CA THR A 118 0.94 -6.42 -17.20
C THR A 118 0.66 -7.92 -17.16
N TRP A 119 0.37 -8.50 -18.35
CA TRP A 119 0.12 -9.91 -18.43
C TRP A 119 1.36 -10.71 -18.12
N GLU A 120 2.52 -10.15 -18.38
CA GLU A 120 3.75 -10.84 -18.00
C GLU A 120 3.89 -10.99 -16.49
N GLN A 121 3.56 -9.95 -15.75
CA GLN A 121 3.55 -10.04 -14.28
C GLN A 121 2.55 -11.09 -13.81
N ALA A 122 1.39 -11.13 -14.47
CA ALA A 122 0.37 -12.12 -14.12
C ALA A 122 0.90 -13.53 -14.29
N GLN A 123 1.63 -13.79 -15.38
CA GLN A 123 2.29 -15.09 -15.53
C GLN A 123 3.30 -15.35 -14.44
N GLN A 124 4.04 -14.31 -14.03
CA GLN A 124 5.00 -14.47 -12.91
C GLN A 124 4.30 -14.87 -11.61
N TRP A 125 3.18 -14.23 -11.28
CA TRP A 125 2.44 -14.57 -10.05
C TRP A 125 2.03 -16.04 -10.10
N ARG A 126 1.53 -16.46 -11.26
CA ARG A 126 1.12 -17.84 -11.40
C ARG A 126 2.32 -18.80 -11.16
N ASP A 127 3.46 -18.51 -11.79
CA ASP A 127 4.66 -19.35 -11.63
C ASP A 127 5.14 -19.36 -10.19
N ALA A 128 4.88 -18.27 -9.45
CA ALA A 128 5.24 -18.22 -8.03
C ALA A 128 4.25 -18.95 -7.12
N GLY A 129 3.12 -19.40 -7.66
CA GLY A 129 2.15 -20.16 -6.89
C GLY A 129 1.00 -19.36 -6.32
N ILE A 130 0.82 -18.13 -6.80
CA ILE A 130 -0.30 -17.28 -6.41
C ILE A 130 -1.54 -17.86 -7.07
N GLY A 131 -2.58 -18.12 -6.28
CA GLY A 131 -3.81 -18.66 -6.82
C GLY A 131 -5.03 -17.75 -6.78
N GLN A 132 -4.88 -16.52 -6.29
CA GLN A 132 -6.00 -15.60 -6.20
C GLN A 132 -5.59 -14.20 -6.60
N VAL A 133 -6.47 -13.53 -7.35
CA VAL A 133 -6.31 -12.13 -7.68
C VAL A 133 -7.63 -11.42 -7.45
N VAL A 134 -7.54 -10.11 -7.25
CA VAL A 134 -8.69 -9.21 -7.14
C VAL A 134 -8.68 -8.30 -8.31
N TYR A 135 -9.62 -8.51 -9.25
CA TYR A 135 -9.77 -7.62 -10.37
C TYR A 135 -10.56 -6.47 -9.86
N HIS A 136 -10.02 -5.27 -9.95
CA HIS A 136 -10.44 -4.18 -9.09
C HIS A 136 -10.46 -2.88 -9.84
N ARG A 137 -11.66 -2.32 -10.06
CA ARG A 137 -11.77 -1.01 -10.58
C ARG A 137 -11.41 0.01 -9.52
N SER A 138 -10.44 0.85 -9.81
CA SER A 138 -10.03 1.85 -8.85
C SER A 138 -11.21 2.73 -8.45
N VAL A 139 -11.40 2.94 -7.16
CA VAL A 139 -12.50 3.80 -6.71
C VAL A 139 -12.31 5.26 -7.12
N ASP A 140 -11.07 5.67 -7.28
CA ASP A 140 -10.80 7.00 -7.79
C ASP A 140 -11.10 7.08 -9.30
N ALA A 141 -10.77 6.04 -10.03
CA ALA A 141 -11.09 5.98 -11.49
C ALA A 141 -12.62 6.00 -11.64
N GLN A 142 -13.29 5.24 -10.81
CA GLN A 142 -14.76 5.25 -10.72
C GLN A 142 -15.31 6.67 -10.53
N ALA A 143 -14.75 7.43 -9.59
CA ALA A 143 -15.19 8.77 -9.29
C ALA A 143 -14.94 9.71 -10.48
N ALA A 144 -13.94 9.38 -11.29
CA ALA A 144 -13.65 10.12 -12.55
C ALA A 144 -14.47 9.63 -13.76
N GLY A 145 -15.43 8.74 -13.55
CA GLY A 145 -16.37 8.34 -14.58
C GLY A 145 -16.04 7.03 -15.27
N VAL A 146 -15.03 6.29 -14.80
CA VAL A 146 -14.71 5.00 -15.41
C VAL A 146 -15.74 3.97 -15.05
N ALA A 147 -16.31 3.33 -16.07
CA ALA A 147 -17.33 2.32 -15.89
C ALA A 147 -16.71 0.96 -16.07
N TRP A 148 -17.40 -0.04 -15.52
CA TRP A 148 -17.19 -1.43 -15.91
C TRP A 148 -17.59 -1.60 -17.38
N GLY A 149 -16.80 -2.41 -18.08
CA GLY A 149 -16.95 -2.57 -19.54
C GLY A 149 -16.47 -3.92 -20.03
N GLU A 150 -16.58 -4.16 -21.33
CA GLU A 150 -16.31 -5.48 -21.88
C GLU A 150 -14.83 -5.87 -21.76
N ALA A 151 -13.94 -4.90 -21.82
CA ALA A 151 -12.52 -5.18 -21.66
C ALA A 151 -12.23 -5.79 -20.27
N ASP A 152 -13.03 -5.38 -19.28
CA ASP A 152 -12.90 -5.96 -17.94
C ASP A 152 -13.33 -7.41 -17.94
N ILE A 153 -14.44 -7.71 -18.61
CA ILE A 153 -14.94 -9.05 -18.66
C ILE A 153 -13.92 -9.99 -19.35
N THR A 154 -13.35 -9.50 -20.44
CA THR A 154 -12.35 -10.26 -21.19
C THR A 154 -11.14 -10.55 -20.31
N ALA A 155 -10.71 -9.53 -19.57
CA ALA A 155 -9.53 -9.66 -18.70
C ALA A 155 -9.81 -10.62 -17.55
N ILE A 156 -11.02 -10.54 -16.98
CA ILE A 156 -11.41 -11.48 -15.93
C ILE A 156 -11.41 -12.93 -16.40
N LYS A 157 -12.02 -13.18 -17.55
CA LYS A 157 -11.97 -14.54 -18.11
C LYS A 157 -10.54 -15.02 -18.37
N ARG A 158 -9.70 -14.15 -18.91
CA ARG A 158 -8.29 -14.49 -19.15
C ARG A 158 -7.57 -14.91 -17.87
N LEU A 159 -7.76 -14.11 -16.83
CA LEU A 159 -7.22 -14.47 -15.51
C LEU A 159 -7.75 -15.80 -14.99
N SER A 160 -9.04 -16.02 -15.10
CA SER A 160 -9.60 -17.30 -14.70
C SER A 160 -8.99 -18.45 -15.50
N ASP A 161 -8.83 -18.25 -16.80
CA ASP A 161 -8.22 -19.29 -17.64
C ASP A 161 -6.77 -19.58 -17.30
N MET A 162 -6.06 -18.61 -16.72
CA MET A 162 -4.68 -18.83 -16.25
C MET A 162 -4.60 -19.67 -14.99
N GLY A 163 -5.75 -19.90 -14.35
CA GLY A 163 -5.80 -20.68 -13.13
C GLY A 163 -6.04 -19.90 -11.85
N PHE A 164 -6.21 -18.58 -11.93
CA PHE A 164 -6.51 -17.80 -10.73
C PHE A 164 -7.99 -17.94 -10.37
N LYS A 165 -8.27 -18.04 -9.07
CA LYS A 165 -9.59 -17.66 -8.55
C LYS A 165 -9.68 -16.14 -8.51
N VAL A 166 -10.70 -15.59 -9.17
CA VAL A 166 -10.86 -14.17 -9.35
C VAL A 166 -11.92 -13.58 -8.40
N THR A 167 -11.50 -12.56 -7.65
CA THR A 167 -12.40 -11.70 -6.88
C THR A 167 -12.64 -10.48 -7.68
N VAL A 168 -13.88 -10.01 -7.68
CA VAL A 168 -14.27 -8.81 -8.40
C VAL A 168 -14.65 -7.72 -7.42
N ALA A 169 -14.11 -6.52 -7.63
CA ALA A 169 -14.35 -5.41 -6.73
C ALA A 169 -14.30 -4.07 -7.41
N GLY A 170 -14.93 -3.10 -6.79
CA GLY A 170 -14.82 -1.71 -7.18
C GLY A 170 -16.18 -1.08 -7.43
N GLY A 171 -16.72 -0.47 -6.37
CA GLY A 171 -18.04 0.15 -6.40
C GLY A 171 -19.16 -0.72 -6.92
N LEU A 172 -19.11 -2.02 -6.67
CA LEU A 172 -20.16 -2.93 -7.18
C LEU A 172 -21.52 -2.64 -6.53
N ALA A 173 -22.54 -2.54 -7.38
CA ALA A 173 -23.93 -2.49 -6.95
C ALA A 173 -24.61 -3.75 -7.42
N LEU A 174 -25.80 -4.02 -6.86
CA LEU A 174 -26.55 -5.22 -7.18
C LEU A 174 -26.70 -5.39 -8.70
N GLU A 175 -26.90 -4.28 -9.39
CA GLU A 175 -27.23 -4.22 -10.83
C GLU A 175 -26.06 -4.65 -11.71
N ASP A 176 -24.85 -4.60 -11.15
CA ASP A 176 -23.62 -5.00 -11.86
C ASP A 176 -23.44 -6.48 -11.97
N LEU A 177 -24.10 -7.28 -11.14
CA LEU A 177 -23.77 -8.69 -11.10
C LEU A 177 -23.95 -9.43 -12.44
N PRO A 178 -25.00 -9.12 -13.21
CA PRO A 178 -25.20 -9.83 -14.50
C PRO A 178 -24.07 -9.67 -15.51
N LEU A 179 -23.25 -8.63 -15.40
CA LEU A 179 -22.09 -8.44 -16.30
C LEU A 179 -21.12 -9.60 -16.28
N PHE A 180 -21.02 -10.26 -15.12
CA PHE A 180 -20.06 -11.32 -14.85
C PHE A 180 -20.65 -12.71 -14.99
N LYS A 181 -21.90 -12.77 -15.42
CA LYS A 181 -22.58 -14.04 -15.53
C LYS A 181 -21.81 -14.99 -16.45
N GLY A 182 -21.77 -16.26 -16.06
CA GLY A 182 -21.10 -17.30 -16.82
C GLY A 182 -19.61 -17.48 -16.52
N ILE A 183 -19.05 -16.61 -15.68
CA ILE A 183 -17.65 -16.68 -15.25
C ILE A 183 -17.64 -17.21 -13.84
N PRO A 184 -16.76 -18.16 -13.53
CA PRO A 184 -16.69 -18.77 -12.21
C PRO A 184 -15.96 -17.88 -11.17
N ILE A 185 -16.53 -16.70 -10.93
CA ILE A 185 -16.07 -15.74 -9.97
C ILE A 185 -16.02 -16.36 -8.59
N HIS A 186 -14.88 -16.20 -7.92
CA HIS A 186 -14.66 -16.71 -6.58
C HIS A 186 -15.41 -15.92 -5.52
N VAL A 187 -15.30 -14.59 -5.59
CA VAL A 187 -15.84 -13.65 -4.56
C VAL A 187 -16.26 -12.34 -5.24
N PHE A 188 -17.41 -11.78 -4.86
CA PHE A 188 -17.73 -10.41 -5.13
C PHE A 188 -17.52 -9.61 -3.86
N ILE A 189 -16.80 -8.50 -3.95
CA ILE A 189 -16.70 -7.56 -2.82
C ILE A 189 -17.71 -6.43 -2.96
N ALA A 190 -18.36 -6.09 -1.84
CA ALA A 190 -19.19 -4.90 -1.74
C ALA A 190 -18.82 -4.17 -0.47
N GLY A 191 -18.47 -2.88 -0.61
CA GLY A 191 -18.23 -2.00 0.53
C GLY A 191 -19.39 -1.04 0.65
N ARG A 192 -19.34 0.02 -0.14
CA ARG A 192 -20.31 1.10 -0.03
C ARG A 192 -21.77 0.65 -0.22
N SER A 193 -21.98 -0.25 -1.15
CA SER A 193 -23.34 -0.67 -1.52
C SER A 193 -23.98 -1.52 -0.39
N ILE A 194 -23.15 -2.05 0.55
CA ILE A 194 -23.68 -2.61 1.78
C ILE A 194 -23.69 -1.64 2.94
N ARG A 195 -22.54 -1.03 3.28
CA ARG A 195 -22.43 -0.13 4.44
C ARG A 195 -23.40 1.02 4.37
N ASP A 196 -23.56 1.57 3.19
CA ASP A 196 -24.31 2.84 3.00
C ASP A 196 -25.75 2.62 2.54
N ALA A 197 -26.16 1.38 2.43
CA ALA A 197 -27.56 1.06 2.06
C ALA A 197 -28.53 1.48 3.16
N ALA A 198 -29.74 1.87 2.77
CA ALA A 198 -30.76 2.17 3.76
C ALA A 198 -30.96 0.97 4.70
N SER A 199 -30.86 -0.23 4.14
CA SER A 199 -30.93 -1.48 4.89
C SER A 199 -29.76 -2.36 4.50
N PRO A 200 -28.66 -2.25 5.24
CA PRO A 200 -27.51 -3.17 5.01
C PRO A 200 -27.86 -4.64 4.96
N VAL A 201 -28.77 -5.10 5.82
CA VAL A 201 -29.18 -6.51 5.79
C VAL A 201 -29.85 -6.87 4.46
N GLU A 202 -30.81 -6.05 4.00
CA GLU A 202 -31.46 -6.31 2.70
C GLU A 202 -30.41 -6.22 1.58
N ALA A 203 -29.47 -5.31 1.71
CA ALA A 203 -28.46 -5.14 0.65
C ALA A 203 -27.64 -6.42 0.51
N ALA A 204 -27.22 -6.96 1.63
CA ALA A 204 -26.45 -8.19 1.61
C ALA A 204 -27.26 -9.38 1.11
N ARG A 205 -28.50 -9.50 1.61
CA ARG A 205 -29.32 -10.66 1.21
C ARG A 205 -29.66 -10.58 -0.29
N GLN A 206 -29.85 -9.40 -0.81
CA GLN A 206 -30.11 -9.24 -2.24
C GLN A 206 -28.91 -9.68 -3.10
N PHE A 207 -27.71 -9.36 -2.63
CA PHE A 207 -26.49 -9.81 -3.32
C PHE A 207 -26.46 -11.32 -3.35
N LYS A 208 -26.74 -11.94 -2.22
CA LYS A 208 -26.68 -13.38 -2.16
C LYS A 208 -27.77 -14.03 -3.02
N ARG A 209 -28.96 -13.46 -2.96
CA ARG A 209 -30.12 -13.91 -3.76
C ARG A 209 -29.77 -13.88 -5.23
N SER A 210 -29.25 -12.75 -5.69
CA SER A 210 -28.92 -12.56 -7.10
C SER A 210 -27.80 -13.50 -7.58
N ILE A 211 -26.76 -13.66 -6.77
CA ILE A 211 -25.70 -14.63 -7.02
C ILE A 211 -26.24 -16.03 -7.15
N ALA A 212 -27.16 -16.40 -6.26
CA ALA A 212 -27.77 -17.72 -6.25
C ALA A 212 -28.55 -17.97 -7.57
N GLU A 213 -29.25 -16.93 -8.05
CA GLU A 213 -30.01 -16.98 -9.28
C GLU A 213 -29.07 -17.14 -10.46
N LEU A 214 -28.04 -16.30 -10.48
CA LEU A 214 -27.16 -16.19 -11.63
C LEU A 214 -26.17 -17.32 -11.76
N TRP A 215 -25.81 -18.00 -10.65
CA TRP A 215 -24.77 -19.05 -10.65
C TRP A 215 -25.25 -20.43 -10.23
N SER B 2 22.24 21.84 -3.82
CA SER B 2 21.91 21.67 -2.40
C SER B 2 22.55 20.36 -1.91
N LEU B 3 22.85 19.99 -0.48
CA LEU B 3 23.21 18.62 -0.01
C LEU B 3 21.93 17.82 -0.02
N PRO B 4 22.01 16.57 -0.44
CA PRO B 4 20.92 15.63 -0.15
C PRO B 4 20.60 15.61 1.34
N MET B 5 19.31 15.60 1.68
CA MET B 5 18.86 15.48 3.06
C MET B 5 18.86 14.01 3.44
N LEU B 6 18.73 13.76 4.73
CA LEU B 6 18.66 12.42 5.30
C LEU B 6 17.30 12.15 5.96
N GLN B 7 16.67 11.07 5.56
CA GLN B 7 15.36 10.67 6.06
C GLN B 7 15.53 9.39 6.80
N VAL B 8 15.11 9.33 8.04
CA VAL B 8 15.10 8.04 8.75
C VAL B 8 13.75 7.38 8.60
N ALA B 9 13.76 6.11 8.19
CA ALA B 9 12.56 5.31 8.09
C ALA B 9 12.28 4.58 9.36
N LEU B 10 11.15 4.91 9.98
CA LEU B 10 10.70 4.20 11.16
C LEU B 10 9.81 3.05 10.74
N ASP B 11 10.44 1.90 10.48
CA ASP B 11 9.74 0.68 10.11
C ASP B 11 9.62 -0.27 11.26
N ASN B 12 9.22 0.27 12.39
CA ASN B 12 8.95 -0.46 13.61
C ASN B 12 7.49 -0.86 13.64
N GLN B 13 7.16 -1.92 14.36
CA GLN B 13 5.78 -2.38 14.50
C GLN B 13 4.97 -1.70 15.59
N THR B 14 5.62 -1.04 16.55
CA THR B 14 4.91 -0.34 17.66
C THR B 14 5.59 0.99 17.90
N MET B 15 4.86 1.95 18.47
CA MET B 15 5.40 3.26 18.69
C MET B 15 6.61 3.20 19.60
N ASP B 16 6.55 2.35 20.64
CA ASP B 16 7.63 2.39 21.63
C ASP B 16 8.95 1.96 21.02
N SER B 17 8.91 0.99 20.11
CA SER B 17 10.07 0.57 19.34
C SER B 17 10.57 1.74 18.49
N ALA B 18 9.66 2.45 17.82
CA ALA B 18 10.07 3.64 17.08
C ALA B 18 10.74 4.72 17.92
N TYR B 19 10.23 4.98 19.13
CA TYR B 19 10.78 6.00 20.02
C TYR B 19 12.20 5.60 20.52
N GLU B 20 12.45 4.32 20.59
CA GLU B 20 13.81 3.86 20.88
C GLU B 20 14.81 4.39 19.87
N THR B 21 14.38 4.59 18.63
CA THR B 21 15.19 5.22 17.60
C THR B 21 15.09 6.73 17.65
N THR B 22 13.88 7.28 17.65
CA THR B 22 13.75 8.74 17.58
C THR B 22 14.40 9.48 18.74
N ARG B 23 14.43 8.89 19.92
CA ARG B 23 15.03 9.60 21.03
C ARG B 23 16.55 9.79 20.84
N LEU B 24 17.11 8.95 20.01
CA LEU B 24 18.52 9.04 19.65
C LEU B 24 18.76 9.96 18.47
N ILE B 25 17.97 9.86 17.38
CA ILE B 25 18.37 10.49 16.13
C ILE B 25 17.44 11.58 15.58
N ALA B 26 16.39 11.95 16.30
CA ALA B 26 15.46 12.95 15.79
C ALA B 26 16.16 14.19 15.34
N GLU B 27 17.14 14.62 16.11
CA GLU B 27 17.86 15.83 15.74
C GLU B 27 19.08 15.59 14.89
N GLU B 28 19.29 14.36 14.45
CA GLU B 28 20.41 14.05 13.58
C GLU B 28 19.99 13.86 12.13
N VAL B 29 18.68 13.91 11.85
CA VAL B 29 18.16 13.64 10.53
C VAL B 29 17.20 14.80 10.12
N ASP B 30 16.85 14.85 8.86
CA ASP B 30 15.98 15.97 8.37
C ASP B 30 14.50 15.62 8.35
N ILE B 31 14.20 14.40 7.91
CA ILE B 31 12.83 13.94 7.73
C ILE B 31 12.61 12.68 8.58
N ILE B 32 11.47 12.64 9.29
CA ILE B 32 11.05 11.49 10.07
C ILE B 32 9.99 10.79 9.29
N GLU B 33 10.33 9.59 8.76
CA GLU B 33 9.33 8.78 8.07
C GLU B 33 8.64 7.80 9.04
N VAL B 34 7.32 7.87 9.02
CA VAL B 34 6.48 6.86 9.60
C VAL B 34 6.38 5.78 8.54
N GLY B 35 7.15 4.70 8.74
CA GLY B 35 7.24 3.68 7.76
C GLY B 35 5.91 2.99 7.52
N THR B 36 5.79 2.34 6.38
CA THR B 36 4.61 1.54 6.14
C THR B 36 4.35 0.53 7.24
N ILE B 37 5.43 -0.05 7.75
CA ILE B 37 5.31 -1.07 8.81
C ILE B 37 4.69 -0.48 10.08
N LEU B 38 5.05 0.75 10.39
CA LEU B 38 4.50 1.43 11.57
C LEU B 38 3.06 1.94 11.29
N CYS B 39 2.78 2.38 10.07
CA CYS B 39 1.41 2.72 9.72
C CYS B 39 0.51 1.52 9.90
N VAL B 40 0.98 0.35 9.46
CA VAL B 40 0.17 -0.84 9.59
C VAL B 40 0.13 -1.34 11.03
N GLY B 41 1.22 -1.18 11.78
CA GLY B 41 1.34 -1.68 13.12
C GLY B 41 0.42 -0.89 14.07
N GLU B 42 0.43 0.42 13.91
CA GLU B 42 -0.23 1.34 14.86
C GLU B 42 -1.39 2.15 14.30
N GLY B 43 -1.50 2.25 13.00
CA GLY B 43 -2.42 3.17 12.36
C GLY B 43 -1.92 4.60 12.36
N VAL B 44 -2.80 5.50 11.97
CA VAL B 44 -2.43 6.86 11.70
C VAL B 44 -2.09 7.65 12.98
N ARG B 45 -2.42 7.11 14.13
CA ARG B 45 -1.94 7.69 15.38
C ARG B 45 -0.41 7.85 15.40
N ALA B 46 0.30 6.99 14.68
CA ALA B 46 1.75 7.07 14.65
C ALA B 46 2.17 8.41 14.05
N VAL B 47 1.45 8.88 13.04
CA VAL B 47 1.72 10.18 12.44
C VAL B 47 1.47 11.32 13.44
N ARG B 48 0.29 11.30 14.05
CA ARG B 48 -0.13 12.31 14.98
C ARG B 48 0.86 12.43 16.13
N ASP B 49 1.22 11.26 16.68
CA ASP B 49 2.08 11.21 17.85
C ASP B 49 3.47 11.68 17.54
N LEU B 50 4.05 11.23 16.42
CA LEU B 50 5.40 11.63 16.06
C LEU B 50 5.48 13.13 15.70
N LYS B 51 4.46 13.66 15.02
CA LYS B 51 4.47 15.09 14.74
C LYS B 51 4.37 15.89 16.03
N ALA B 52 3.61 15.40 17.01
CA ALA B 52 3.50 16.10 18.27
C ALA B 52 4.81 16.13 19.02
N LEU B 53 5.61 15.06 18.93
CA LEU B 53 6.91 15.03 19.58
C LEU B 53 7.92 15.92 18.88
N TYR B 54 7.80 16.01 17.55
CA TYR B 54 8.85 16.65 16.72
C TYR B 54 8.20 17.61 15.73
N PRO B 55 7.47 18.60 16.23
CA PRO B 55 6.64 19.43 15.32
C PRO B 55 7.45 20.28 14.35
N HIS B 56 8.70 20.53 14.70
CA HIS B 56 9.64 21.29 13.87
C HIS B 56 10.23 20.47 12.70
N LYS B 57 10.02 19.15 12.70
CA LYS B 57 10.57 18.28 11.67
C LYS B 57 9.53 17.96 10.62
N ILE B 58 10.01 17.71 9.41
CA ILE B 58 9.19 17.15 8.36
C ILE B 58 8.83 15.69 8.75
N VAL B 59 7.55 15.40 8.77
CA VAL B 59 7.04 14.04 9.02
C VAL B 59 6.36 13.53 7.75
N LEU B 60 6.85 12.39 7.29
CA LEU B 60 6.39 11.73 6.06
C LEU B 60 5.63 10.46 6.41
N ALA B 61 4.40 10.30 5.93
CA ALA B 61 3.65 9.03 6.16
C ALA B 61 3.85 8.13 4.96
N ASP B 62 4.56 7.01 5.11
CA ASP B 62 4.86 6.15 3.97
C ASP B 62 3.73 5.15 3.74
N ALA B 63 2.57 5.70 3.38
CA ALA B 63 1.38 4.91 3.28
C ALA B 63 1.31 4.09 2.02
N LYS B 64 2.05 4.48 1.00
CA LYS B 64 2.09 3.79 -0.28
C LYS B 64 0.67 3.54 -0.79
N ILE B 65 -0.11 4.61 -0.81
CA ILE B 65 -1.53 4.61 -1.20
C ILE B 65 -1.74 4.07 -2.59
N ALA B 66 -2.58 3.03 -2.71
CA ALA B 66 -2.79 2.37 -3.98
C ALA B 66 -4.10 2.80 -4.66
N ASP B 67 -4.98 3.38 -3.88
CA ASP B 67 -6.33 3.78 -4.33
C ASP B 67 -6.95 4.50 -3.15
N ALA B 68 -8.10 5.13 -3.35
CA ALA B 68 -8.74 5.95 -2.36
C ALA B 68 -7.84 7.09 -1.90
N GLY B 69 -7.27 7.76 -2.91
CA GLY B 69 -6.29 8.79 -2.70
C GLY B 69 -6.72 9.93 -1.81
N LYS B 70 -7.94 10.42 -2.01
CA LYS B 70 -8.42 11.48 -1.16
C LYS B 70 -8.69 11.05 0.27
N ILE B 71 -9.27 9.88 0.46
CA ILE B 71 -9.59 9.43 1.81
C ILE B 71 -8.31 9.19 2.62
N LEU B 72 -7.44 8.37 2.07
CA LEU B 72 -6.18 8.00 2.77
C LEU B 72 -5.27 9.19 2.99
N SER B 73 -5.13 10.08 2.00
CA SER B 73 -4.33 11.26 2.18
C SER B 73 -4.93 12.18 3.24
N ARG B 74 -6.26 12.36 3.26
CA ARG B 74 -6.85 13.18 4.29
C ARG B 74 -6.61 12.63 5.69
N MET B 75 -6.75 11.32 5.87
CA MET B 75 -6.43 10.70 7.15
C MET B 75 -5.03 11.06 7.62
N CYS B 76 -4.06 10.98 6.71
CA CYS B 76 -2.66 11.25 7.06
C CYS B 76 -2.46 12.73 7.35
N PHE B 77 -3.01 13.57 6.47
CA PHE B 77 -2.90 15.00 6.72
C PHE B 77 -3.64 15.52 7.94
N GLU B 78 -4.81 14.96 8.24
CA GLU B 78 -5.52 15.32 9.48
C GLU B 78 -4.73 14.92 10.74
N ALA B 79 -3.89 13.89 10.61
CA ALA B 79 -2.93 13.48 11.65
C ALA B 79 -1.64 14.27 11.63
N ASN B 80 -1.60 15.33 10.81
CA ASN B 80 -0.51 16.29 10.76
C ASN B 80 0.75 15.86 9.99
N ALA B 81 0.62 14.89 9.08
CA ALA B 81 1.67 14.61 8.13
C ALA B 81 2.02 15.86 7.30
N ASP B 82 3.29 15.96 6.93
CA ASP B 82 3.75 16.93 5.91
C ASP B 82 3.70 16.34 4.51
N TRP B 83 4.11 15.06 4.39
CA TRP B 83 4.23 14.39 3.10
C TRP B 83 3.58 13.00 3.20
N VAL B 84 3.01 12.53 2.09
CA VAL B 84 2.48 11.17 1.97
C VAL B 84 2.97 10.53 0.71
N THR B 85 3.08 9.20 0.68
CA THR B 85 3.42 8.51 -0.52
C THR B 85 2.26 7.80 -1.14
N VAL B 86 2.27 7.77 -2.47
CA VAL B 86 1.34 7.04 -3.35
C VAL B 86 2.18 6.05 -4.15
N ILE B 87 1.76 4.80 -4.22
CA ILE B 87 2.49 3.78 -4.92
C ILE B 87 2.32 3.94 -6.45
N CYS B 88 3.40 3.61 -7.16
CA CYS B 88 3.52 3.90 -8.60
C CYS B 88 2.39 3.30 -9.47
N CYS B 89 1.81 2.18 -9.08
CA CYS B 89 0.81 1.58 -9.94
C CYS B 89 -0.56 2.28 -9.85
N ALA B 90 -0.75 3.19 -8.89
CA ALA B 90 -2.09 3.73 -8.64
C ALA B 90 -2.60 4.42 -9.89
N ASP B 91 -3.91 4.32 -10.10
CA ASP B 91 -4.59 5.06 -11.13
C ASP B 91 -4.23 6.54 -10.98
N ILE B 92 -4.07 7.25 -12.09
CA ILE B 92 -3.68 8.63 -12.04
C ILE B 92 -4.60 9.47 -11.20
N ASN B 93 -5.89 9.11 -11.11
CA ASN B 93 -6.82 9.91 -10.29
C ASN B 93 -6.54 9.79 -8.78
N THR B 94 -5.87 8.72 -8.42
CA THR B 94 -5.44 8.51 -7.04
C THR B 94 -4.37 9.52 -6.67
N ALA B 95 -3.36 9.67 -7.52
CA ALA B 95 -2.32 10.66 -7.28
C ALA B 95 -2.91 12.05 -7.27
N LYS B 96 -3.84 12.32 -8.20
CA LYS B 96 -4.46 13.62 -8.30
C LYS B 96 -5.24 13.96 -7.07
N GLY B 97 -6.00 12.97 -6.58
CA GLY B 97 -6.81 13.18 -5.41
C GLY B 97 -5.96 13.42 -4.19
N ALA B 98 -4.87 12.68 -4.05
CA ALA B 98 -3.97 12.89 -2.94
C ALA B 98 -3.34 14.27 -2.99
N LEU B 99 -2.96 14.70 -4.17
CA LEU B 99 -2.37 16.04 -4.34
C LEU B 99 -3.34 17.13 -3.98
N ASP B 100 -4.61 16.98 -4.36
CA ASP B 100 -5.64 17.98 -4.08
C ASP B 100 -5.77 18.14 -2.57
N VAL B 101 -5.82 17.01 -1.88
CA VAL B 101 -5.91 17.07 -0.44
C VAL B 101 -4.67 17.71 0.14
N ALA B 102 -3.49 17.28 -0.32
CA ALA B 102 -2.20 17.79 0.15
C ALA B 102 -2.16 19.31 0.10
N LYS B 103 -2.60 19.88 -1.01
CA LYS B 103 -2.61 21.34 -1.14
C LYS B 103 -3.48 22.03 -0.10
N GLU B 104 -4.61 21.42 0.30
CA GLU B 104 -5.42 21.99 1.37
C GLU B 104 -4.67 22.10 2.67
N PHE B 105 -3.74 21.17 2.91
CA PHE B 105 -2.98 21.13 4.15
C PHE B 105 -1.58 21.72 4.05
N ASN B 106 -1.29 22.34 2.90
CA ASN B 106 0.06 22.75 2.53
C ASN B 106 1.09 21.62 2.72
N GLY B 107 0.67 20.40 2.38
CA GLY B 107 1.56 19.25 2.32
C GLY B 107 1.91 18.91 0.89
N ASP B 108 2.42 17.70 0.71
CA ASP B 108 2.86 17.26 -0.60
C ASP B 108 2.82 15.76 -0.70
N VAL B 109 2.90 15.27 -1.94
CA VAL B 109 2.79 13.85 -2.31
C VAL B 109 4.02 13.45 -3.06
N GLN B 110 4.54 12.27 -2.74
CA GLN B 110 5.58 11.64 -3.53
C GLN B 110 5.03 10.36 -4.16
N ILE B 111 5.45 10.02 -5.36
CA ILE B 111 5.18 8.72 -5.91
C ILE B 111 6.33 7.79 -5.56
N ASP B 112 6.01 6.74 -4.87
CA ASP B 112 7.00 5.70 -4.55
C ASP B 112 7.11 4.68 -5.72
N LEU B 113 8.32 4.52 -6.23
CA LEU B 113 8.62 3.74 -7.45
C LEU B 113 9.20 2.37 -7.15
N THR B 114 8.56 1.66 -6.06
CA THR B 114 8.92 0.26 -5.86
C THR B 114 8.22 -0.56 -6.90
N GLY B 115 8.96 -1.47 -7.52
CA GLY B 115 8.33 -2.43 -8.41
C GLY B 115 8.10 -1.91 -9.81
N TYR B 116 7.03 -2.37 -10.43
CA TYR B 116 6.90 -2.22 -11.86
C TYR B 116 6.10 -0.95 -12.18
N TRP B 117 6.70 0.03 -13.09
CA TRP B 117 6.08 1.27 -13.59
C TRP B 117 6.73 1.54 -14.92
N THR B 118 6.17 2.49 -15.65
CA THR B 118 6.64 2.85 -16.98
C THR B 118 6.92 4.34 -17.10
N TRP B 119 7.72 4.73 -18.11
CA TRP B 119 7.96 6.16 -18.39
C TRP B 119 6.73 6.96 -18.76
N GLU B 120 5.72 6.29 -19.32
CA GLU B 120 4.47 6.94 -19.68
C GLU B 120 3.73 7.38 -18.40
N GLN B 121 3.76 6.50 -17.41
CA GLN B 121 3.19 6.80 -16.10
C GLN B 121 3.91 8.00 -15.48
N ALA B 122 5.24 8.02 -15.60
CA ALA B 122 6.00 9.17 -15.08
C ALA B 122 5.62 10.50 -15.70
N GLN B 123 5.40 10.52 -17.01
CA GLN B 123 4.93 11.74 -17.64
C GLN B 123 3.56 12.17 -17.10
N GLN B 124 2.66 11.23 -16.91
CA GLN B 124 1.37 11.52 -16.28
C GLN B 124 1.53 12.13 -14.90
N TRP B 125 2.45 11.59 -14.08
CA TRP B 125 2.69 12.20 -12.77
C TRP B 125 3.12 13.64 -12.88
N ARG B 126 4.08 13.96 -13.76
CA ARG B 126 4.57 15.33 -13.89
C ARG B 126 3.41 16.20 -14.35
N ASP B 127 2.69 15.73 -15.35
CA ASP B 127 1.52 16.47 -15.89
C ASP B 127 0.47 16.79 -14.84
N ALA B 128 0.33 15.90 -13.86
CA ALA B 128 -0.66 16.08 -12.80
C ALA B 128 -0.12 17.01 -11.69
N GLY B 129 1.19 17.33 -11.77
CA GLY B 129 1.83 18.27 -10.88
C GLY B 129 2.61 17.63 -9.72
N ILE B 130 2.88 16.33 -9.83
CA ILE B 130 3.72 15.64 -8.83
C ILE B 130 5.15 16.12 -9.04
N GLY B 131 5.81 16.50 -7.94
CA GLY B 131 7.17 17.04 -7.96
C GLY B 131 8.25 16.19 -7.28
N GLN B 132 7.86 15.07 -6.69
CA GLN B 132 8.77 14.19 -5.92
C GLN B 132 8.48 12.73 -6.21
N VAL B 133 9.56 11.94 -6.40
CA VAL B 133 9.47 10.51 -6.53
C VAL B 133 10.51 9.87 -5.62
N VAL B 134 10.20 8.66 -5.18
CA VAL B 134 11.14 7.84 -4.45
C VAL B 134 11.61 6.70 -5.33
N TYR B 135 12.84 6.82 -5.79
CA TYR B 135 13.46 5.74 -6.55
C TYR B 135 13.84 4.70 -5.53
N HIS B 136 13.15 3.58 -5.57
CA HIS B 136 13.13 2.64 -4.44
C HIS B 136 13.45 1.25 -4.91
N ARG B 137 14.60 0.73 -4.50
CA ARG B 137 14.87 -0.69 -4.64
C ARG B 137 14.05 -1.49 -3.64
N SER B 138 13.31 -2.47 -4.11
CA SER B 138 12.44 -3.25 -3.24
C SER B 138 13.33 -3.93 -2.20
N VAL B 139 12.92 -3.89 -0.94
CA VAL B 139 13.70 -4.52 0.11
C VAL B 139 13.69 -6.04 -0.07
N ASP B 140 12.63 -6.59 -0.64
CA ASP B 140 12.58 -8.03 -0.91
C ASP B 140 13.48 -8.43 -2.08
N ALA B 141 13.55 -7.57 -3.07
CA ALA B 141 14.48 -7.73 -4.20
C ALA B 141 15.92 -7.66 -3.68
N GLN B 142 16.22 -6.66 -2.84
CA GLN B 142 17.51 -6.60 -2.19
C GLN B 142 17.88 -7.89 -1.44
N ALA B 143 16.93 -8.47 -0.73
CA ALA B 143 17.16 -9.68 0.02
C ALA B 143 17.41 -10.89 -0.92
N ALA B 144 16.85 -10.84 -2.12
CA ALA B 144 17.11 -11.88 -3.16
C ALA B 144 18.39 -11.58 -3.98
N GLY B 145 19.17 -10.60 -3.53
CA GLY B 145 20.45 -10.27 -4.12
C GLY B 145 20.51 -9.17 -5.17
N VAL B 146 19.43 -8.40 -5.36
CA VAL B 146 19.44 -7.36 -6.37
C VAL B 146 20.28 -6.18 -5.90
N ALA B 147 21.27 -5.83 -6.71
CA ALA B 147 22.28 -4.81 -6.35
C ALA B 147 21.88 -3.54 -7.03
N TRP B 148 22.37 -2.41 -6.52
CA TRP B 148 22.30 -1.14 -7.24
C TRP B 148 23.14 -1.27 -8.51
N GLY B 149 22.65 -0.73 -9.62
CA GLY B 149 23.24 -0.96 -10.94
C GLY B 149 23.19 0.25 -11.85
N GLU B 150 23.75 0.04 -13.06
CA GLU B 150 23.90 1.09 -14.07
C GLU B 150 22.54 1.64 -14.43
N ALA B 151 21.57 0.74 -14.57
CA ALA B 151 20.25 1.13 -15.06
C ALA B 151 19.56 2.06 -14.04
N ASP B 152 19.89 1.89 -12.75
CA ASP B 152 19.36 2.73 -11.66
C ASP B 152 19.86 4.15 -11.79
N ILE B 153 21.16 4.36 -12.06
CA ILE B 153 21.72 5.69 -12.24
C ILE B 153 21.09 6.39 -13.44
N THR B 154 20.94 5.63 -14.54
CA THR B 154 20.33 6.17 -15.75
C THR B 154 18.88 6.64 -15.49
N ALA B 155 18.09 5.78 -14.85
CA ALA B 155 16.70 6.15 -14.57
C ALA B 155 16.58 7.32 -13.59
N ILE B 156 17.43 7.37 -12.56
CA ILE B 156 17.37 8.48 -11.61
C ILE B 156 17.66 9.79 -12.31
N LYS B 157 18.66 9.76 -13.19
CA LYS B 157 19.01 10.93 -13.94
C LYS B 157 17.86 11.36 -14.84
N ARG B 158 17.23 10.40 -15.52
CA ARG B 158 16.13 10.70 -16.39
C ARG B 158 14.94 11.29 -15.60
N LEU B 159 14.66 10.75 -14.40
CA LEU B 159 13.60 11.33 -13.54
C LEU B 159 13.92 12.73 -13.13
N SER B 160 15.16 12.99 -12.75
CA SER B 160 15.60 14.34 -12.41
C SER B 160 15.45 15.28 -13.63
N ASP B 161 15.86 14.82 -14.80
CA ASP B 161 15.75 15.65 -16.02
C ASP B 161 14.27 15.96 -16.37
N MET B 162 13.36 15.04 -16.00
CA MET B 162 11.91 15.28 -16.14
C MET B 162 11.33 16.32 -15.18
N GLY B 163 12.09 16.73 -14.17
CA GLY B 163 11.73 17.79 -13.26
C GLY B 163 11.33 17.28 -11.85
N PHE B 164 11.47 15.99 -11.57
CA PHE B 164 11.21 15.47 -10.22
C PHE B 164 12.45 15.69 -9.33
N LYS B 165 12.16 15.93 -8.06
CA LYS B 165 13.17 15.77 -7.00
C LYS B 165 13.14 14.31 -6.65
N VAL B 166 14.33 13.67 -6.62
CA VAL B 166 14.39 12.24 -6.44
C VAL B 166 14.92 11.91 -5.05
N THR B 167 14.19 11.07 -4.33
CA THR B 167 14.64 10.42 -3.09
C THR B 167 15.13 9.06 -3.46
N VAL B 168 16.22 8.59 -2.85
CA VAL B 168 16.73 7.26 -3.09
C VAL B 168 16.56 6.43 -1.84
N ALA B 169 16.09 5.20 -1.99
CA ALA B 169 15.84 4.32 -0.86
C ALA B 169 15.94 2.86 -1.26
N GLY B 170 16.12 2.02 -0.26
CA GLY B 170 15.99 0.60 -0.41
C GLY B 170 17.26 -0.07 0.05
N GLY B 171 17.32 -0.37 1.34
CA GLY B 171 18.47 -1.04 1.92
C GLY B 171 19.74 -0.25 1.81
N LEU B 172 19.64 1.07 1.85
CA LEU B 172 20.80 1.89 1.64
C LEU B 172 21.83 1.72 2.73
N ALA B 173 23.07 1.50 2.29
CA ALA B 173 24.21 1.43 3.19
C ALA B 173 25.10 2.62 2.92
N LEU B 174 25.90 2.97 3.91
CA LEU B 174 26.85 4.07 3.77
C LEU B 174 27.72 3.95 2.49
N GLU B 175 28.23 2.74 2.22
CA GLU B 175 29.07 2.49 1.05
C GLU B 175 28.38 2.63 -0.30
N ASP B 176 27.05 2.70 -0.30
CA ASP B 176 26.30 2.96 -1.51
C ASP B 176 26.32 4.39 -2.00
N LEU B 177 26.56 5.35 -1.11
CA LEU B 177 26.41 6.78 -1.46
C LEU B 177 27.27 7.23 -2.66
N PRO B 178 28.53 6.82 -2.76
CA PRO B 178 29.36 7.21 -3.91
C PRO B 178 28.82 6.84 -5.28
N LEU B 179 27.97 5.83 -5.36
CA LEU B 179 27.31 5.44 -6.60
C LEU B 179 26.45 6.56 -7.18
N PHE B 180 25.95 7.43 -6.31
CA PHE B 180 25.03 8.51 -6.68
C PHE B 180 25.68 9.88 -6.80
N LYS B 181 26.99 9.92 -6.61
CA LYS B 181 27.71 11.19 -6.70
C LYS B 181 27.49 11.85 -8.05
N GLY B 182 27.35 13.16 -8.05
CA GLY B 182 27.20 13.91 -9.27
C GLY B 182 25.77 14.04 -9.78
N ILE B 183 24.82 13.46 -9.02
CA ILE B 183 23.37 13.51 -9.31
C ILE B 183 22.73 14.30 -8.19
N PRO B 184 21.85 15.27 -8.48
CA PRO B 184 21.31 16.14 -7.44
C PRO B 184 20.19 15.43 -6.65
N ILE B 185 20.55 14.37 -5.95
CA ILE B 185 19.58 13.62 -5.14
C ILE B 185 19.01 14.57 -4.09
N HIS B 186 17.69 14.55 -3.92
CA HIS B 186 17.04 15.41 -2.93
C HIS B 186 17.15 14.89 -1.49
N VAL B 187 16.98 13.57 -1.36
CA VAL B 187 16.90 12.89 -0.04
C VAL B 187 17.40 11.46 -0.19
N PHE B 188 18.18 11.01 0.78
CA PHE B 188 18.45 9.60 0.96
C PHE B 188 17.71 9.07 2.17
N ILE B 189 17.02 7.94 1.99
CA ILE B 189 16.33 7.31 3.12
C ILE B 189 17.22 6.20 3.66
N ALA B 190 17.39 6.16 4.97
CA ALA B 190 18.00 5.01 5.63
C ALA B 190 17.09 4.54 6.77
N GLY B 191 16.71 3.26 6.73
CA GLY B 191 15.96 2.62 7.78
C GLY B 191 16.90 1.76 8.63
N ARG B 192 17.13 0.52 8.18
CA ARG B 192 17.89 -0.44 8.94
C ARG B 192 19.31 0.02 9.19
N SER B 193 19.94 0.67 8.22
CA SER B 193 21.34 1.11 8.42
C SER B 193 21.55 2.11 9.55
N ILE B 194 20.48 2.80 9.94
CA ILE B 194 20.48 3.61 11.14
C ILE B 194 19.90 2.88 12.34
N ARG B 195 18.70 2.32 12.22
CA ARG B 195 17.99 1.77 13.37
C ARG B 195 18.76 0.66 14.05
N ASP B 196 19.43 -0.15 13.25
CA ASP B 196 20.03 -1.41 13.69
C ASP B 196 21.53 -1.29 13.96
N ALA B 197 22.06 -0.10 13.79
CA ALA B 197 23.47 0.16 14.08
C ALA B 197 23.74 0.04 15.54
N ALA B 198 24.97 -0.31 15.91
CA ALA B 198 25.36 -0.35 17.31
C ALA B 198 25.13 1.01 17.98
N SER B 199 25.40 2.09 17.22
CA SER B 199 25.10 3.44 17.63
C SER B 199 24.33 4.16 16.51
N PRO B 200 23.02 4.19 16.61
CA PRO B 200 22.22 4.93 15.62
C PRO B 200 22.66 6.37 15.40
N VAL B 201 23.04 7.03 16.49
CA VAL B 201 23.52 8.40 16.40
C VAL B 201 24.74 8.47 15.50
N GLU B 202 25.71 7.62 15.77
CA GLU B 202 26.89 7.67 14.93
C GLU B 202 26.62 7.24 13.51
N ALA B 203 25.67 6.34 13.29
CA ALA B 203 25.35 5.92 11.94
C ALA B 203 24.77 7.08 11.13
N ALA B 204 23.84 7.79 11.75
CA ALA B 204 23.23 8.97 11.11
C ALA B 204 24.29 10.03 10.81
N ARG B 205 25.21 10.27 11.74
CA ARG B 205 26.31 11.20 11.55
C ARG B 205 27.24 10.81 10.45
N GLN B 206 27.50 9.52 10.30
CA GLN B 206 28.35 9.08 9.19
C GLN B 206 27.71 9.35 7.83
N PHE B 207 26.39 9.08 7.70
CA PHE B 207 25.68 9.39 6.49
C PHE B 207 25.81 10.88 6.20
N LYS B 208 25.62 11.72 7.21
CA LYS B 208 25.69 13.16 7.00
C LYS B 208 27.11 13.57 6.58
N ARG B 209 28.11 13.03 7.27
CA ARG B 209 29.50 13.33 6.89
C ARG B 209 29.81 12.97 5.43
N SER B 210 29.41 11.77 5.02
CA SER B 210 29.74 11.27 3.70
C SER B 210 28.97 12.12 2.66
N ILE B 211 27.72 12.43 2.95
CA ILE B 211 26.93 13.27 2.05
C ILE B 211 27.60 14.62 1.85
N ALA B 212 28.01 15.25 2.94
CA ALA B 212 28.65 16.58 2.91
C ALA B 212 29.96 16.53 2.11
N GLU B 213 30.67 15.39 2.15
CA GLU B 213 31.85 15.24 1.31
C GLU B 213 31.54 15.02 -0.13
N LEU B 214 30.62 14.11 -0.42
CA LEU B 214 30.29 13.70 -1.79
C LEU B 214 29.58 14.77 -2.62
N TRP B 215 28.84 15.65 -1.95
CA TRP B 215 28.05 16.68 -2.61
C TRP B 215 28.53 18.08 -2.24
N GLY B 216 29.55 18.18 -1.40
CA GLY B 216 30.17 19.45 -1.10
C GLY B 216 31.02 19.87 -2.28
#